data_8SJT
#
_entry.id   8SJT
#
_cell.length_a   212.243
_cell.length_b   212.243
_cell.length_c   164.272
_cell.angle_alpha   90.000
_cell.angle_beta   90.000
_cell.angle_gamma   120.000
#
_symmetry.space_group_name_H-M   'H 3'
#
loop_
_entity.id
_entity.type
_entity.pdbx_description
1 polymer "DNA (5'-D(P*CP*AP*CP*GP*TP*GP*GP*AP*CP*AP*GP*GP*AP*G)-3')"
2 polymer "DNA (5'-D(*AP*CP*CP*TP*CP*CP*TP*GP*AP*GP*GP*TP*CP*GP*AP*GP*C)-3')"
3 polymer "DNA (5'-D(*TP*CP*GP*CP*TP*CP*AP*GP*CP*CP*TP*GP*AP*CP*TP*CP*A)-3')"
4 polymer "DNA (5'-D(P*GP*TP*GP*AP*GP*TP*CP*TP*CP*CP*AP*CP*GP*T)-3')"
5 polymer "DNA (5'-D(*GP*AP*CP*TP*CP*TP*GP*CP*TP*A)-3')"
6 polymer "DNA (5'-D(*GP*TP*TP*AP*GP*CP*AP*GP*AP*G)-3')"
#
loop_
_entity_poly.entity_id
_entity_poly.type
_entity_poly.pdbx_seq_one_letter_code
_entity_poly.pdbx_strand_id
1 'polydeoxyribonucleotide' (DC)(DA)(DC)(DG)(DT)(DG)(DG)(DA)(DC)(DA)(DG)(DG)(DA)(DG) A
2 'polydeoxyribonucleotide' (DA)(DC)(DC)(DT)(DC)(DC)(DT)(DG)(DA)(DG)(DG)(DT)(DC)(DG)(DA)(DG)(DC) B
3 'polydeoxyribonucleotide' (DT)(DC)(DG)(DC)(DT)(DC)(DA)(DG)(DC)(DC)(DT)(DG)(DA)(DC)(DT)(DC)(DA) C
4 'polydeoxyribonucleotide' (DG)(DT)(DG)(DA)(DG)(DT)(DC)(DT)(DC)(DC)(DA)(DC)(DG)(DT) D
5 'polydeoxyribonucleotide' (DG)(DA)(DC)(DT)(DC)(DT)(DG)(DC)(DT)(DA) X
6 'polydeoxyribonucleotide' (DG)(DT)(DT)(DA)(DG)(DC)(DA)(DG)(DA)(DG) Y
#